data_2REW
#
_entry.id   2REW
#
_cell.length_a   78.264
_cell.length_b   78.264
_cell.length_c   98.715
_cell.angle_alpha   90.000
_cell.angle_beta   90.000
_cell.angle_gamma   120.000
#
_symmetry.space_group_name_H-M   'P 31 2 1'
#
loop_
_entity.id
_entity.type
_entity.pdbx_description
1 polymer 'Peroxisome proliferator-activated receptor alpha'
2 non-polymer N,N-BIS(3-D-GLUCONAMIDOPROPYL)DEOXYCHOLAMIDE
3 non-polymer '(2S,3S)-1-(4-METHOXYPHENYL)-3-(3-(2-(5-METHYL-2-PHENYLOXAZOL-4-YL)ETHOXY)BENZYL)-4-OXOAZETIDINE-2-CARBOXYLIC ACID'
4 water water
#
_entity_poly.entity_id   1
_entity_poly.type   'polypeptide(L)'
_entity_poly.pdbx_seq_one_letter_code
;GSHMEDSETADLKSLAKRIYEAYLKNFNMNKVKARVILSGKASNNPPFVIHDMETLCMAEKTLVAKLVANGIQNKEAEVR
IFHCCQCTSVETVTELTEFAKAIPGFANLDLNDQVTLLKYGVYEAIFAMLSSVMNKDGMLVAYGNGFITREFLKSLRKPF
CDIMEPKFDFAMKFNALELDDSDISLFVAAIICCGDRPGLLNVGHIEKMQEGIVHVLRLHLQSNHPDDIFLFPKLLQKMA
DLRQLVTEHAQLVQIIKKTESDAALHPLLQEIYRDMY
;
_entity_poly.pdbx_strand_id   A
#
# COMPACT_ATOMS: atom_id res chain seq x y z
N GLU A 8 4.85 19.24 -21.64
CA GLU A 8 6.04 20.10 -21.38
C GLU A 8 5.74 21.21 -20.35
N THR A 9 4.51 21.22 -19.84
CA THR A 9 4.01 22.15 -18.77
C THR A 9 2.48 22.07 -18.67
N ALA A 10 1.81 22.22 -19.81
CA ALA A 10 0.40 21.93 -19.94
C ALA A 10 0.19 20.40 -19.93
N ASP A 11 1.13 19.68 -20.53
CA ASP A 11 1.09 18.21 -20.56
C ASP A 11 1.46 17.60 -19.21
N LEU A 12 2.25 18.33 -18.43
CA LEU A 12 2.60 17.91 -17.08
C LEU A 12 1.43 18.07 -16.11
N LYS A 13 0.76 19.22 -16.15
CA LYS A 13 -0.51 19.41 -15.44
C LYS A 13 -1.51 18.29 -15.79
N SER A 14 -1.61 18.01 -17.08
CA SER A 14 -2.52 17.01 -17.57
C SER A 14 -2.23 15.59 -17.07
N LEU A 15 -0.96 15.18 -17.06
CA LEU A 15 -0.54 13.88 -16.53
C LEU A 15 -0.86 13.78 -15.02
N ALA A 16 -0.48 14.80 -14.26
CA ALA A 16 -0.65 14.84 -12.82
C ALA A 16 -2.13 14.90 -12.40
N LYS A 17 -2.90 15.72 -13.13
CA LYS A 17 -4.36 15.84 -12.95
C LYS A 17 -5.04 14.49 -13.08
N ARG A 18 -4.75 13.77 -14.16
CA ARG A 18 -5.35 12.48 -14.40
C ARG A 18 -4.98 11.46 -13.33
N ILE A 19 -3.75 11.53 -12.83
CA ILE A 19 -3.31 10.61 -11.80
C ILE A 19 -3.98 10.94 -10.48
N TYR A 20 -3.92 12.21 -10.09
CA TYR A 20 -4.52 12.64 -8.83
C TYR A 20 -6.00 12.31 -8.76
N GLU A 21 -6.71 12.56 -9.86
CA GLU A 21 -8.15 12.31 -9.95
C GLU A 21 -8.51 10.85 -9.87
N ALA A 22 -7.67 10.02 -10.47
CA ALA A 22 -7.84 8.57 -10.42
C ALA A 22 -7.62 8.06 -8.99
N TYR A 23 -6.73 8.73 -8.27
CA TYR A 23 -6.52 8.45 -6.86
C TYR A 23 -7.76 8.84 -6.02
N LEU A 24 -8.24 10.06 -6.21
CA LEU A 24 -9.41 10.55 -5.50
C LEU A 24 -10.59 9.64 -5.82
N LYS A 25 -10.74 9.31 -7.09
CA LYS A 25 -11.82 8.45 -7.50
C LYS A 25 -11.74 7.06 -6.88
N ASN A 26 -10.54 6.45 -6.82
CA ASN A 26 -10.50 5.00 -6.63
C ASN A 26 -10.21 4.50 -5.24
N PHE A 27 -9.69 5.37 -4.39
CA PHE A 27 -9.34 4.94 -3.06
C PHE A 27 -10.30 5.53 -2.03
N ASN A 28 -11.09 4.64 -1.42
CA ASN A 28 -12.02 5.00 -0.36
C ASN A 28 -11.30 5.65 0.83
N MET A 29 -10.25 5.00 1.33
CA MET A 29 -9.47 5.59 2.40
C MET A 29 -8.28 6.32 1.79
N ASN A 30 -8.01 7.53 2.28
CA ASN A 30 -6.82 8.28 1.89
C ASN A 30 -6.26 9.03 3.09
N LYS A 31 -5.16 9.75 2.89
CA LYS A 31 -4.42 10.29 4.02
C LYS A 31 -5.22 11.34 4.77
N VAL A 32 -5.89 12.22 4.02
CA VAL A 32 -6.66 13.30 4.64
C VAL A 32 -7.79 12.75 5.49
N LYS A 33 -8.56 11.81 4.96
CA LYS A 33 -9.63 11.14 5.70
C LYS A 33 -9.12 10.40 6.93
N ALA A 34 -7.98 9.72 6.78
CA ALA A 34 -7.38 8.96 7.87
C ALA A 34 -6.88 9.88 8.98
N ARG A 35 -6.24 10.98 8.60
CA ARG A 35 -5.74 11.95 9.59
C ARG A 35 -6.87 12.66 10.34
N VAL A 36 -8.00 12.91 9.67
CA VAL A 36 -9.21 13.42 10.33
C VAL A 36 -9.71 12.48 11.43
N ILE A 37 -9.86 11.19 11.09
CA ILE A 37 -10.31 10.16 12.02
C ILE A 37 -9.33 9.91 13.16
N LEU A 38 -8.04 9.91 12.86
CA LEU A 38 -7.03 9.70 13.89
C LEU A 38 -6.88 10.95 14.72
N SER A 39 -7.73 11.95 14.46
CA SER A 39 -7.72 13.24 15.18
C SER A 39 -9.12 13.84 15.37
N GLY A 40 -9.38 14.95 14.69
CA GLY A 40 -10.68 15.64 14.72
C GLY A 40 -11.02 16.22 16.09
N PRO A 46 -15.65 8.15 17.00
CA PRO A 46 -14.24 7.83 17.28
C PRO A 46 -14.00 6.32 17.24
N PRO A 47 -12.95 5.87 16.51
CA PRO A 47 -12.82 4.44 16.13
C PRO A 47 -12.77 3.50 17.34
N PHE A 48 -13.52 2.40 17.25
CA PHE A 48 -13.48 1.34 18.28
C PHE A 48 -12.06 0.76 18.39
N VAL A 49 -11.50 0.79 19.59
CA VAL A 49 -10.14 0.31 19.82
C VAL A 49 -10.09 -1.21 20.11
N ILE A 50 -9.32 -1.92 19.28
CA ILE A 50 -8.95 -3.31 19.52
C ILE A 50 -7.56 -3.38 20.13
N HIS A 51 -7.49 -3.72 21.41
CA HIS A 51 -6.22 -3.79 22.13
C HIS A 51 -6.05 -5.09 22.91
N ASP A 52 -7.05 -5.98 22.81
CA ASP A 52 -7.00 -7.30 23.43
C ASP A 52 -8.03 -8.25 22.83
N MET A 53 -8.16 -9.44 23.43
CA MET A 53 -9.01 -10.49 22.88
C MET A 53 -10.51 -10.21 23.02
N GLU A 54 -10.90 -9.65 24.17
CA GLU A 54 -12.30 -9.24 24.41
C GLU A 54 -12.74 -8.17 23.39
N THR A 55 -11.92 -7.13 23.22
CA THR A 55 -12.23 -6.07 22.23
C THR A 55 -12.22 -6.59 20.80
N LEU A 56 -11.30 -7.52 20.51
CA LEU A 56 -11.26 -8.19 19.22
C LEU A 56 -12.58 -8.88 18.94
N CYS A 57 -13.04 -9.72 19.88
CA CYS A 57 -14.30 -10.46 19.72
C CYS A 57 -15.48 -9.51 19.57
N MET A 58 -15.46 -8.43 20.36
CA MET A 58 -16.45 -7.36 20.26
C MET A 58 -16.49 -6.77 18.85
N ALA A 59 -15.33 -6.47 18.28
CA ALA A 59 -15.25 -5.89 16.93
C ALA A 59 -15.70 -6.86 15.84
N GLU A 60 -15.33 -8.12 15.99
CA GLU A 60 -15.68 -9.16 15.01
C GLU A 60 -17.20 -9.34 14.94
N LYS A 61 -17.84 -9.28 16.10
CA LYS A 61 -19.30 -9.34 16.16
C LYS A 61 -19.97 -8.15 15.49
N THR A 62 -19.32 -6.98 15.49
CA THR A 62 -20.00 -5.73 15.07
C THR A 62 -19.48 -4.99 13.82
N LEU A 63 -18.18 -5.03 13.54
CA LEU A 63 -17.61 -4.18 12.48
C LEU A 63 -17.44 -4.81 11.09
N GLN A 73 -15.89 -17.07 13.65
CA GLN A 73 -15.35 -18.41 13.44
C GLN A 73 -14.73 -19.01 14.69
N ASN A 74 -14.59 -20.33 14.68
CA ASN A 74 -13.99 -21.07 15.80
C ASN A 74 -12.45 -20.97 15.84
N LYS A 75 -11.87 -20.32 14.83
CA LYS A 75 -10.42 -20.29 14.63
C LYS A 75 -9.65 -19.46 15.66
N GLU A 76 -8.32 -19.64 15.69
CA GLU A 76 -7.42 -18.88 16.58
C GLU A 76 -7.54 -17.35 16.29
N ALA A 77 -7.30 -16.53 17.32
CA ALA A 77 -7.36 -15.06 17.18
C ALA A 77 -6.42 -14.53 16.10
N GLU A 78 -5.18 -15.06 16.09
CA GLU A 78 -4.19 -14.84 15.04
C GLU A 78 -4.73 -15.09 13.63
N VAL A 79 -5.50 -16.16 13.48
CA VAL A 79 -6.01 -16.60 12.17
C VAL A 79 -7.12 -15.69 11.66
N ARG A 80 -7.96 -15.25 12.59
CA ARG A 80 -9.07 -14.37 12.28
C ARG A 80 -8.62 -12.97 11.86
N ILE A 81 -7.74 -12.36 12.64
CA ILE A 81 -7.17 -11.07 12.33
C ILE A 81 -6.65 -11.12 10.89
N PHE A 82 -5.77 -12.07 10.60
CA PHE A 82 -5.15 -12.09 9.30
C PHE A 82 -6.04 -12.60 8.16
N HIS A 83 -7.17 -13.21 8.50
CA HIS A 83 -8.21 -13.50 7.50
C HIS A 83 -8.85 -12.17 7.05
N CYS A 84 -9.20 -11.34 8.04
CA CYS A 84 -9.75 -10.01 7.78
C CYS A 84 -8.82 -9.08 7.00
N CYS A 85 -7.52 -9.09 7.33
CA CYS A 85 -6.52 -8.38 6.52
C CYS A 85 -6.59 -8.70 5.03
N GLN A 86 -6.74 -9.99 4.70
CA GLN A 86 -6.80 -10.40 3.30
C GLN A 86 -8.00 -9.79 2.58
N CYS A 87 -9.13 -9.68 3.28
CA CYS A 87 -10.30 -9.02 2.71
C CYS A 87 -9.97 -7.56 2.38
N THR A 88 -9.28 -6.88 3.30
CA THR A 88 -8.86 -5.51 3.07
C THR A 88 -7.87 -5.42 1.92
N SER A 89 -6.91 -6.35 1.84
CA SER A 89 -5.91 -6.23 0.78
C SER A 89 -6.51 -6.53 -0.58
N VAL A 90 -7.42 -7.49 -0.63
CA VAL A 90 -8.14 -7.82 -1.88
C VAL A 90 -8.94 -6.61 -2.43
N GLU A 91 -9.63 -5.88 -1.56
CA GLU A 91 -10.27 -4.60 -1.93
C GLU A 91 -9.26 -3.58 -2.44
N THR A 92 -8.10 -3.45 -1.76
CA THR A 92 -7.06 -2.53 -2.22
C THR A 92 -6.46 -2.93 -3.60
N VAL A 93 -6.20 -4.22 -3.81
CA VAL A 93 -5.70 -4.70 -5.10
C VAL A 93 -6.73 -4.38 -6.21
N THR A 94 -8.00 -4.51 -5.88
CA THR A 94 -9.06 -4.20 -6.83
C THR A 94 -9.03 -2.69 -7.16
N GLU A 95 -8.90 -1.84 -6.13
CA GLU A 95 -8.79 -0.38 -6.29
C GLU A 95 -7.53 0.03 -7.06
N LEU A 96 -6.38 -0.56 -6.73
CA LEU A 96 -5.14 -0.22 -7.43
C LEU A 96 -5.21 -0.56 -8.90
N THR A 97 -5.91 -1.64 -9.22
CA THR A 97 -6.08 -2.07 -10.60
C THR A 97 -6.82 -1.01 -11.41
N GLU A 98 -7.86 -0.44 -10.81
CA GLU A 98 -8.65 0.61 -11.44
C GLU A 98 -7.86 1.89 -11.58
N PHE A 99 -7.04 2.18 -10.57
CA PHE A 99 -6.14 3.33 -10.61
C PHE A 99 -5.10 3.18 -11.75
N ALA A 100 -4.41 2.04 -11.80
CA ALA A 100 -3.48 1.73 -12.88
C ALA A 100 -4.08 1.96 -14.27
N LYS A 101 -5.30 1.48 -14.52
CA LYS A 101 -5.96 1.63 -15.82
C LYS A 101 -6.16 3.08 -16.20
N ALA A 102 -6.09 3.97 -15.23
CA ALA A 102 -6.29 5.41 -15.45
C ALA A 102 -4.99 6.19 -15.62
N ILE A 103 -3.86 5.58 -15.27
CA ILE A 103 -2.56 6.23 -15.49
C ILE A 103 -2.40 6.39 -17.02
N PRO A 104 -2.22 7.63 -17.51
CA PRO A 104 -2.08 7.76 -18.97
C PRO A 104 -1.00 6.81 -19.48
N GLY A 105 -1.32 6.04 -20.51
CA GLY A 105 -0.38 5.13 -21.12
C GLY A 105 -0.52 3.70 -20.67
N PHE A 106 -0.97 3.48 -19.43
CA PHE A 106 -1.02 2.13 -18.88
C PHE A 106 -1.86 1.17 -19.73
N ALA A 107 -3.02 1.67 -20.17
CA ALA A 107 -3.99 0.86 -20.91
C ALA A 107 -3.56 0.47 -22.34
N ASN A 108 -2.63 1.24 -22.93
CA ASN A 108 -2.11 0.94 -24.26
C ASN A 108 -0.98 -0.06 -24.19
N LEU A 109 -0.62 -0.44 -22.97
CA LEU A 109 0.38 -1.47 -22.78
C LEU A 109 -0.15 -2.81 -23.21
N ASP A 110 0.74 -3.60 -23.79
CA ASP A 110 0.57 -5.03 -23.93
C ASP A 110 -0.20 -5.53 -22.70
N LEU A 111 -0.87 -6.67 -22.82
CA LEU A 111 -1.65 -7.20 -21.70
C LEU A 111 -0.83 -7.97 -20.66
N ASN A 112 0.24 -8.62 -21.10
CA ASN A 112 1.16 -9.30 -20.20
C ASN A 112 1.91 -8.31 -19.31
N ASP A 113 2.12 -7.10 -19.84
CA ASP A 113 2.83 -6.07 -19.11
C ASP A 113 1.95 -5.40 -18.08
N GLN A 114 0.67 -5.24 -18.41
CA GLN A 114 -0.30 -4.68 -17.48
C GLN A 114 -0.39 -5.53 -16.20
N VAL A 115 -0.55 -6.84 -16.38
CA VAL A 115 -0.69 -7.71 -15.22
C VAL A 115 0.62 -7.91 -14.46
N THR A 116 1.74 -7.91 -15.20
CA THR A 116 3.07 -7.94 -14.59
C THR A 116 3.32 -6.71 -13.70
N LEU A 117 3.05 -5.51 -14.24
CA LEU A 117 3.24 -4.29 -13.47
C LEU A 117 2.43 -4.32 -12.19
N LEU A 118 1.20 -4.85 -12.28
CA LEU A 118 0.31 -4.97 -11.11
C LEU A 118 0.73 -6.01 -10.10
N LYS A 119 1.01 -7.23 -10.56
CA LYS A 119 1.52 -8.32 -9.73
C LYS A 119 2.71 -7.86 -8.86
N TYR A 120 3.67 -7.20 -9.48
CA TYR A 120 4.85 -6.74 -8.75
C TYR A 120 4.66 -5.44 -7.99
N GLY A 121 3.77 -4.57 -8.47
CA GLY A 121 3.59 -3.24 -7.90
C GLY A 121 2.59 -3.13 -6.76
N VAL A 122 1.61 -4.02 -6.70
CA VAL A 122 0.48 -3.82 -5.78
C VAL A 122 0.86 -3.73 -4.32
N TYR A 123 1.71 -4.66 -3.83
CA TYR A 123 2.02 -4.68 -2.40
C TYR A 123 2.97 -3.53 -1.98
N GLU A 124 3.83 -3.11 -2.90
CA GLU A 124 4.64 -1.94 -2.65
C GLU A 124 3.73 -0.72 -2.47
N ALA A 125 2.80 -0.55 -3.40
CA ALA A 125 1.80 0.51 -3.35
C ALA A 125 0.88 0.32 -2.14
N ILE A 126 0.49 -0.92 -1.82
CA ILE A 126 -0.37 -1.14 -0.66
C ILE A 126 0.30 -0.65 0.63
N PHE A 127 1.58 -0.98 0.82
CA PHE A 127 2.27 -0.64 2.06
C PHE A 127 2.66 0.85 2.17
N ALA A 128 3.04 1.47 1.05
CA ALA A 128 3.21 2.91 1.02
C ALA A 128 1.93 3.63 1.49
N MET A 129 0.78 3.26 0.90
CA MET A 129 -0.53 3.85 1.26
C MET A 129 -1.02 3.45 2.64
N LEU A 130 -0.71 2.22 3.07
CA LEU A 130 -1.08 1.79 4.42
C LEU A 130 -0.57 2.75 5.47
N SER A 131 0.60 3.34 5.23
CA SER A 131 1.19 4.28 6.21
C SER A 131 0.26 5.40 6.61
N SER A 132 -0.64 5.79 5.72
CA SER A 132 -1.57 6.91 5.97
C SER A 132 -2.49 6.61 7.14
N VAL A 133 -2.78 5.32 7.36
CA VAL A 133 -3.72 4.94 8.42
C VAL A 133 -2.99 4.52 9.68
N MET A 134 -1.67 4.63 9.67
CA MET A 134 -0.87 4.19 10.80
C MET A 134 -0.29 5.36 11.58
N ASN A 135 -0.29 5.22 12.90
CA ASN A 135 0.53 6.07 13.74
C ASN A 135 1.33 5.15 14.65
N LYS A 136 2.21 5.72 15.48
CA LYS A 136 3.16 4.95 16.26
C LYS A 136 2.49 4.02 17.26
N ASP A 137 1.18 4.19 17.47
CA ASP A 137 0.45 3.38 18.44
C ASP A 137 -0.46 2.30 17.85
N GLY A 138 -0.66 2.34 16.53
CA GLY A 138 -1.59 1.43 15.88
C GLY A 138 -2.10 2.00 14.57
N MET A 139 -3.20 1.43 14.08
CA MET A 139 -3.70 1.73 12.76
C MET A 139 -5.20 1.51 12.67
N LEU A 140 -5.83 2.21 11.72
CA LEU A 140 -7.25 2.02 11.37
C LEU A 140 -7.52 0.68 10.68
N VAL A 141 -8.70 0.12 10.98
CA VAL A 141 -9.21 -1.08 10.35
C VAL A 141 -10.68 -0.82 10.08
N ALA A 142 -11.35 -1.73 9.37
CA ALA A 142 -12.80 -1.64 9.14
C ALA A 142 -13.23 -0.24 8.68
N TYR A 143 -12.61 0.23 7.60
CA TYR A 143 -12.94 1.53 6.97
C TYR A 143 -12.80 2.75 7.89
N GLY A 144 -11.86 2.67 8.83
CA GLY A 144 -11.69 3.75 9.80
C GLY A 144 -12.66 3.69 10.98
N ASN A 145 -13.55 2.69 11.01
CA ASN A 145 -14.45 2.49 12.15
C ASN A 145 -13.79 1.83 13.34
N GLY A 146 -12.62 1.22 13.13
CA GLY A 146 -11.89 0.56 14.20
C GLY A 146 -10.46 1.02 14.24
N PHE A 147 -9.79 0.80 15.38
CA PHE A 147 -8.37 1.09 15.51
C PHE A 147 -7.75 -0.10 16.21
N ILE A 148 -6.75 -0.73 15.57
CA ILE A 148 -6.07 -1.87 16.15
C ILE A 148 -4.68 -1.49 16.63
N THR A 149 -4.39 -1.84 17.87
CA THR A 149 -3.20 -1.41 18.57
C THR A 149 -1.93 -2.14 18.10
N ARG A 150 -0.85 -1.37 17.97
CA ARG A 150 0.44 -1.91 17.56
C ARG A 150 0.95 -2.93 18.58
N GLU A 151 0.73 -2.66 19.87
CA GLU A 151 1.16 -3.53 20.97
C GLU A 151 0.38 -4.84 21.03
N PHE A 152 -0.94 -4.78 20.84
CA PHE A 152 -1.75 -6.00 20.69
C PHE A 152 -1.25 -6.90 19.55
N LEU A 153 -0.91 -6.27 18.41
CA LEU A 153 -0.33 -7.00 17.28
C LEU A 153 0.99 -7.67 17.66
N LYS A 154 1.84 -6.94 18.40
CA LYS A 154 3.12 -7.48 18.90
C LYS A 154 2.96 -8.61 19.93
N SER A 155 1.81 -8.68 20.59
CA SER A 155 1.54 -9.69 21.60
C SER A 155 1.03 -11.02 21.00
N LEU A 156 0.85 -11.07 19.68
CA LEU A 156 0.42 -12.31 19.04
C LEU A 156 1.57 -13.31 19.11
N ARG A 157 1.26 -14.60 19.05
CA ARG A 157 2.34 -15.57 19.01
C ARG A 157 3.00 -15.57 17.64
N LYS A 158 4.28 -15.93 17.62
CA LYS A 158 5.06 -16.02 16.39
C LYS A 158 4.45 -17.05 15.47
N PRO A 159 4.49 -16.83 14.14
CA PRO A 159 5.09 -15.70 13.41
C PRO A 159 4.14 -14.52 13.21
N PHE A 160 2.94 -14.58 13.78
CA PHE A 160 1.93 -13.57 13.52
C PHE A 160 2.31 -12.19 14.05
N CYS A 161 3.08 -12.14 15.14
CA CYS A 161 3.52 -10.86 15.73
C CYS A 161 4.62 -10.16 14.93
N ASP A 162 5.17 -10.87 13.95
CA ASP A 162 6.25 -10.38 13.11
C ASP A 162 5.76 -9.83 11.78
N ILE A 163 4.45 -9.96 11.51
CA ILE A 163 3.90 -9.50 10.24
C ILE A 163 3.87 -7.97 10.16
N MET A 164 3.15 -7.33 11.08
CA MET A 164 2.83 -5.90 10.99
C MET A 164 3.94 -5.00 11.55
N GLU A 165 4.69 -5.47 12.54
CA GLU A 165 5.71 -4.62 13.16
C GLU A 165 6.67 -3.91 12.19
N PRO A 166 7.19 -4.63 11.16
CA PRO A 166 8.08 -3.97 10.21
C PRO A 166 7.39 -2.94 9.31
N LYS A 167 6.06 -3.03 9.21
CA LYS A 167 5.29 -2.09 8.39
C LYS A 167 5.08 -0.82 9.16
N PHE A 168 4.93 -0.95 10.49
CA PHE A 168 4.91 0.20 11.41
C PHE A 168 6.23 0.93 11.40
N ASP A 169 7.29 0.15 11.33
CA ASP A 169 8.64 0.66 11.26
C ASP A 169 8.88 1.46 9.98
N PHE A 170 8.54 0.88 8.83
CA PHE A 170 8.54 1.62 7.55
C PHE A 170 7.65 2.86 7.65
N ALA A 171 6.44 2.68 8.20
CA ALA A 171 5.43 3.74 8.20
C ALA A 171 5.85 4.95 9.02
N MET A 172 6.52 4.72 10.15
CA MET A 172 6.98 5.83 11.00
C MET A 172 7.98 6.70 10.27
N LYS A 173 8.89 6.07 9.52
CA LYS A 173 9.85 6.79 8.69
C LYS A 173 9.23 7.38 7.41
N PHE A 174 8.25 6.70 6.82
CA PHE A 174 7.57 7.23 5.61
C PHE A 174 6.72 8.43 5.98
N ASN A 175 5.96 8.32 7.08
CA ASN A 175 5.12 9.42 7.61
C ASN A 175 5.89 10.69 8.06
N ALA A 176 7.16 10.51 8.41
CA ALA A 176 8.05 11.62 8.78
C ALA A 176 8.44 12.50 7.58
N LEU A 177 8.17 12.01 6.36
CA LEU A 177 8.33 12.80 5.15
C LEU A 177 7.15 13.76 4.87
N GLU A 178 6.04 13.60 5.61
CA GLU A 178 4.90 14.52 5.59
C GLU A 178 4.25 14.70 4.22
N LEU A 179 4.18 13.61 3.47
CA LEU A 179 3.57 13.64 2.17
C LEU A 179 2.09 13.89 2.32
N ASP A 180 1.49 14.47 1.31
CA ASP A 180 0.05 14.42 1.29
C ASP A 180 -0.44 13.63 0.08
N ASP A 181 -1.75 13.60 -0.08
CA ASP A 181 -2.39 12.76 -1.06
C ASP A 181 -1.96 13.01 -2.49
N SER A 182 -1.66 14.24 -2.85
CA SER A 182 -1.22 14.51 -4.22
C SER A 182 0.17 13.91 -4.47
N ASP A 183 1.07 14.04 -3.48
CA ASP A 183 2.43 13.43 -3.50
C ASP A 183 2.31 11.90 -3.63
N ILE A 184 1.53 11.31 -2.73
CA ILE A 184 1.28 9.89 -2.67
C ILE A 184 0.74 9.31 -3.99
N SER A 185 -0.22 10.00 -4.61
CA SER A 185 -0.78 9.54 -5.88
C SER A 185 0.29 9.41 -6.97
N LEU A 186 1.15 10.40 -7.06
CA LEU A 186 2.23 10.42 -8.06
C LEU A 186 3.25 9.35 -7.69
N PHE A 187 3.57 9.25 -6.40
CA PHE A 187 4.42 8.17 -5.91
C PHE A 187 3.92 6.76 -6.28
N VAL A 188 2.67 6.49 -5.97
CA VAL A 188 2.05 5.22 -6.32
C VAL A 188 2.06 4.91 -7.84
N ALA A 189 1.78 5.91 -8.67
CA ALA A 189 1.86 5.73 -10.12
C ALA A 189 3.29 5.36 -10.56
N ALA A 190 4.30 6.04 -9.98
CA ALA A 190 5.73 5.71 -10.18
C ALA A 190 6.09 4.26 -9.75
N ILE A 191 5.53 3.81 -8.62
CA ILE A 191 5.70 2.42 -8.16
C ILE A 191 5.11 1.45 -9.17
N ILE A 192 3.90 1.74 -9.63
CA ILE A 192 3.26 0.84 -10.56
C ILE A 192 4.02 0.74 -11.89
N CYS A 193 4.61 1.83 -12.34
CA CYS A 193 5.28 1.85 -13.65
C CYS A 193 6.81 1.58 -13.58
N CYS A 194 7.26 0.62 -12.76
CA CYS A 194 8.70 0.31 -12.74
C CYS A 194 9.07 -0.48 -14.00
N GLY A 195 9.99 0.07 -14.79
CA GLY A 195 10.47 -0.60 -16.02
C GLY A 195 11.35 -1.82 -15.76
N ASP A 196 11.66 -2.08 -14.49
CA ASP A 196 12.59 -3.15 -14.15
C ASP A 196 11.89 -4.35 -13.48
N ARG A 197 10.58 -4.47 -13.71
CA ARG A 197 9.87 -5.65 -13.27
C ARG A 197 10.32 -6.83 -14.16
N PRO A 198 10.50 -8.03 -13.57
CA PRO A 198 10.88 -9.18 -14.40
C PRO A 198 9.75 -9.63 -15.32
N GLY A 199 10.12 -10.11 -16.50
CA GLY A 199 9.14 -10.67 -17.44
C GLY A 199 8.47 -9.61 -18.29
N LEU A 200 8.89 -8.35 -18.11
CA LEU A 200 8.33 -7.27 -18.91
C LEU A 200 8.73 -7.43 -20.36
N LEU A 201 7.79 -7.18 -21.25
CA LEU A 201 8.02 -7.36 -22.67
C LEU A 201 8.44 -6.06 -23.32
N ASN A 202 7.73 -4.98 -23.04
CA ASN A 202 8.09 -3.68 -23.59
C ASN A 202 8.60 -2.69 -22.52
N VAL A 203 9.86 -2.83 -22.11
CA VAL A 203 10.36 -1.97 -21.02
C VAL A 203 10.54 -0.50 -21.43
N GLY A 204 10.87 -0.25 -22.69
CA GLY A 204 11.00 1.12 -23.22
C GLY A 204 9.76 2.00 -23.12
N HIS A 205 8.59 1.46 -23.45
CA HIS A 205 7.36 2.26 -23.28
C HIS A 205 7.02 2.56 -21.80
N ILE A 206 7.18 1.56 -20.93
CA ILE A 206 6.95 1.73 -19.49
C ILE A 206 7.90 2.78 -18.91
N GLU A 207 9.17 2.67 -19.29
CA GLU A 207 10.20 3.59 -18.85
C GLU A 207 9.90 5.02 -19.28
N LYS A 208 9.40 5.20 -20.52
CA LYS A 208 8.90 6.53 -20.93
C LYS A 208 7.73 7.02 -20.06
N MET A 209 6.81 6.12 -19.72
CA MET A 209 5.74 6.44 -18.76
C MET A 209 6.30 6.87 -17.40
N GLN A 210 7.28 6.13 -16.87
CA GLN A 210 7.78 6.43 -15.52
C GLN A 210 8.50 7.75 -15.43
N GLU A 211 9.21 8.09 -16.50
CA GLU A 211 10.00 9.31 -16.56
C GLU A 211 9.15 10.56 -16.40
N GLY A 212 8.01 10.60 -17.10
CA GLY A 212 7.06 11.71 -16.95
C GLY A 212 6.50 11.81 -15.55
N ILE A 213 6.06 10.66 -15.02
CA ILE A 213 5.51 10.60 -13.65
C ILE A 213 6.56 11.06 -12.65
N VAL A 214 7.78 10.51 -12.79
CA VAL A 214 8.91 10.85 -11.91
C VAL A 214 9.30 12.32 -12.04
N HIS A 215 9.32 12.80 -13.29
CA HIS A 215 9.66 14.19 -13.52
C HIS A 215 8.60 15.14 -12.90
N VAL A 216 7.32 14.86 -13.12
CA VAL A 216 6.25 15.69 -12.51
C VAL A 216 6.20 15.55 -10.96
N LEU A 217 6.53 14.36 -10.45
CA LEU A 217 6.65 14.16 -9.01
C LEU A 217 7.72 15.06 -8.39
N ARG A 218 8.92 15.06 -9.00
CA ARG A 218 10.00 15.97 -8.54
C ARG A 218 9.56 17.42 -8.49
N LEU A 219 9.07 17.93 -9.62
CA LEU A 219 8.57 19.31 -9.68
C LEU A 219 7.43 19.55 -8.68
N HIS A 220 6.50 18.60 -8.56
CA HIS A 220 5.43 18.71 -7.58
C HIS A 220 6.01 18.77 -6.16
N LEU A 221 6.99 17.94 -5.87
CA LEU A 221 7.60 17.94 -4.53
C LEU A 221 8.34 19.23 -4.20
N GLN A 222 9.03 19.80 -5.19
CA GLN A 222 9.79 21.03 -4.96
C GLN A 222 8.90 22.25 -4.65
N SER A 223 7.77 22.35 -5.34
CA SER A 223 6.84 23.46 -5.06
C SER A 223 5.98 23.22 -3.81
N ASN A 224 5.50 21.99 -3.63
CA ASN A 224 4.68 21.61 -2.47
C ASN A 224 5.47 21.58 -1.17
N HIS A 225 6.73 21.16 -1.24
CA HIS A 225 7.54 21.08 -0.04
C HIS A 225 8.87 21.85 -0.21
N PRO A 226 8.82 23.20 -0.15
CA PRO A 226 9.99 24.03 -0.50
C PRO A 226 11.08 24.05 0.58
N ASP A 227 10.81 23.48 1.74
CA ASP A 227 11.77 23.48 2.83
C ASP A 227 12.48 22.14 2.96
N ASP A 228 11.97 21.13 2.26
CA ASP A 228 12.63 19.82 2.25
C ASP A 228 13.33 19.62 0.91
N ILE A 229 14.61 19.96 0.92
CA ILE A 229 15.43 20.09 -0.28
C ILE A 229 15.51 18.75 -1.01
N PHE A 230 15.85 17.73 -0.22
CA PHE A 230 16.11 16.42 -0.75
C PHE A 230 14.94 15.46 -0.52
N LEU A 231 13.72 16.00 -0.53
CA LEU A 231 12.51 15.19 -0.41
C LEU A 231 12.40 14.22 -1.57
N PHE A 232 12.57 14.72 -2.79
CA PHE A 232 12.55 13.85 -3.98
C PHE A 232 13.46 12.61 -3.84
N PRO A 233 14.79 12.80 -3.63
CA PRO A 233 15.58 11.57 -3.43
C PRO A 233 15.21 10.75 -2.20
N LYS A 234 14.78 11.39 -1.12
CA LYS A 234 14.43 10.61 0.11
C LYS A 234 13.24 9.70 -0.14
N LEU A 235 12.31 10.17 -0.95
CA LEU A 235 11.14 9.42 -1.31
C LEU A 235 11.50 8.30 -2.29
N LEU A 236 12.40 8.57 -3.24
CA LEU A 236 12.89 7.49 -4.11
C LEU A 236 13.61 6.39 -3.37
N GLN A 237 14.35 6.73 -2.32
CA GLN A 237 14.97 5.67 -1.51
C GLN A 237 13.87 4.75 -1.01
N LYS A 238 12.69 5.30 -0.68
CA LYS A 238 11.58 4.49 -0.16
C LYS A 238 11.09 3.38 -1.09
N MET A 239 11.22 3.55 -2.42
CA MET A 239 10.88 2.47 -3.36
C MET A 239 11.74 1.24 -3.10
N ALA A 240 13.02 1.46 -2.79
CA ALA A 240 13.93 0.37 -2.54
C ALA A 240 13.56 -0.28 -1.22
N ASP A 241 13.24 0.55 -0.22
CA ASP A 241 12.77 0.04 1.06
C ASP A 241 11.47 -0.78 0.96
N LEU A 242 10.55 -0.33 0.10
CA LEU A 242 9.27 -1.03 -0.07
C LEU A 242 9.51 -2.36 -0.72
N ARG A 243 10.38 -2.34 -1.72
CA ARG A 243 10.74 -3.54 -2.45
C ARG A 243 11.30 -4.58 -1.49
N GLN A 244 12.13 -4.12 -0.57
CA GLN A 244 12.69 -4.98 0.46
C GLN A 244 11.61 -5.45 1.45
N LEU A 245 10.71 -4.53 1.81
CA LEU A 245 9.65 -4.82 2.78
C LEU A 245 8.68 -5.87 2.24
N VAL A 246 8.40 -5.80 0.94
CA VAL A 246 7.48 -6.71 0.25
C VAL A 246 8.10 -8.12 0.07
N THR A 247 9.36 -8.20 -0.37
CA THR A 247 10.07 -9.49 -0.50
C THR A 247 10.06 -10.25 0.84
N GLU A 248 10.23 -9.52 1.92
CA GLU A 248 10.24 -10.09 3.24
C GLU A 248 8.86 -10.53 3.69
N HIS A 249 7.84 -9.71 3.38
CA HIS A 249 6.47 -10.02 3.70
C HIS A 249 6.05 -11.27 2.94
N ALA A 250 6.39 -11.34 1.65
CA ALA A 250 6.03 -12.51 0.80
C ALA A 250 6.62 -13.80 1.35
N GLN A 251 7.88 -13.74 1.77
CA GLN A 251 8.54 -14.88 2.42
C GLN A 251 7.79 -15.33 3.65
N LEU A 252 7.43 -14.37 4.50
CA LEU A 252 6.66 -14.66 5.69
C LEU A 252 5.25 -15.22 5.41
N VAL A 253 4.59 -14.69 4.38
CA VAL A 253 3.29 -15.24 3.98
C VAL A 253 3.45 -16.74 3.60
N GLN A 254 4.42 -17.07 2.75
CA GLN A 254 4.77 -18.46 2.37
C GLN A 254 5.01 -19.37 3.57
N ILE A 255 5.82 -18.91 4.50
CA ILE A 255 6.14 -19.61 5.74
C ILE A 255 4.91 -19.92 6.59
N ILE A 256 4.05 -18.91 6.82
CA ILE A 256 2.80 -19.10 7.58
C ILE A 256 1.85 -20.06 6.84
N LYS A 257 1.76 -19.85 5.53
CA LYS A 257 0.90 -20.66 4.70
C LYS A 257 1.26 -22.15 4.83
N LYS A 258 2.55 -22.43 4.87
CA LYS A 258 3.06 -23.80 4.87
C LYS A 258 3.21 -24.42 6.27
N THR A 259 3.18 -23.62 7.32
CA THR A 259 3.39 -24.15 8.68
C THR A 259 2.16 -24.05 9.55
N GLU A 260 1.25 -23.18 9.14
CA GLU A 260 0.13 -22.81 9.97
C GLU A 260 -1.10 -23.25 9.20
N SER A 261 -1.66 -24.41 9.58
CA SER A 261 -2.67 -25.09 8.76
C SER A 261 -3.90 -24.24 8.43
N ASP A 262 -4.50 -23.63 9.46
CA ASP A 262 -5.69 -22.79 9.29
C ASP A 262 -5.48 -21.48 8.53
N ALA A 263 -4.30 -21.28 7.96
CA ALA A 263 -4.02 -20.07 7.22
C ALA A 263 -4.25 -20.32 5.73
N ALA A 264 -5.51 -20.23 5.33
CA ALA A 264 -5.90 -20.20 3.94
C ALA A 264 -5.49 -18.85 3.34
N LEU A 265 -5.33 -18.83 2.03
CA LEU A 265 -4.95 -17.62 1.32
C LEU A 265 -6.01 -17.42 0.27
N HIS A 266 -6.61 -16.22 0.26
CA HIS A 266 -7.60 -15.83 -0.76
C HIS A 266 -7.11 -16.10 -2.17
N PRO A 267 -7.96 -16.70 -3.05
CA PRO A 267 -7.46 -17.05 -4.39
C PRO A 267 -6.84 -15.91 -5.23
N LEU A 268 -7.27 -14.66 -5.03
CA LEU A 268 -6.62 -13.56 -5.77
C LEU A 268 -5.19 -13.36 -5.31
N LEU A 269 -4.98 -13.45 -4.01
CA LEU A 269 -3.66 -13.30 -3.42
C LEU A 269 -2.69 -14.47 -3.73
N GLN A 270 -3.24 -15.68 -3.89
CA GLN A 270 -2.44 -16.87 -4.22
C GLN A 270 -1.59 -16.62 -5.47
N GLU A 271 -2.23 -16.11 -6.52
CA GLU A 271 -1.52 -15.83 -7.77
C GLU A 271 -0.53 -14.66 -7.72
N ILE A 272 -0.85 -13.63 -6.92
CA ILE A 272 0.07 -12.52 -6.73
C ILE A 272 1.37 -13.05 -6.07
N TYR A 273 1.20 -13.83 -5.01
CA TYR A 273 2.35 -14.35 -4.27
C TYR A 273 3.10 -15.44 -5.03
N ARG A 274 2.40 -16.12 -5.93
CA ARG A 274 2.93 -17.26 -6.64
C ARG A 274 4.34 -17.03 -7.22
N ASP A 275 4.46 -16.19 -8.24
CA ASP A 275 5.76 -16.09 -8.90
C ASP A 275 6.63 -14.92 -8.40
N MET A 276 6.46 -14.57 -7.13
CA MET A 276 7.20 -13.43 -6.58
C MET A 276 8.64 -13.77 -6.22
#